data_4PLD
#
_entry.id   4PLD
#
_cell.length_a   45.813
_cell.length_b   65.681
_cell.length_c   83.482
_cell.angle_alpha   90.000
_cell.angle_beta   90.000
_cell.angle_gamma   90.000
#
_symmetry.space_group_name_H-M   'P 21 21 21'
#
loop_
_entity.id
_entity.type
_entity.pdbx_description
1 polymer 'Nuclear receptor subfamily 5 group A member 2'
2 polymer 'Nuclear receptor coactivator 2'
3 non-polymer 3-[(3-CHOLAMIDOPROPYL)DIMETHYLAMMONIO]-1-PROPANESULFONATE
4 water water
#
loop_
_entity_poly.entity_id
_entity_poly.type
_entity_poly.pdbx_seq_one_letter_code
_entity_poly.pdbx_strand_id
1 'polypeptide(L)'
;AAASIPHLILELLKCEPDEPQVQAKIMAYLQQEQANRSKHEKLSTFGLMCKMADQTLFSIVEWARSSIFFRELKVDDQMK
LLQNCWSELLILDHIYRQVVHGKEGSIFLVTGQQVDYSIIASQAGATLNNLMSHAQELVAKLRSLQFDQREFVCLKFLVL
FSLDVKNLENFQLVEGVQEQVNAALLDYTMCNYPQQTEKFGQLLLRLPEIRAISMQAEEYLYYKHLNGDVPYNNLLIEML
HAKRA
;
A
2 'polypeptide(L)' KENALLRYLLDKDD B
#
# COMPACT_ATOMS: atom_id res chain seq x y z
N SER A 4 -9.59 -26.40 1.84
CA SER A 4 -9.14 -25.69 0.64
C SER A 4 -8.89 -24.20 0.94
N ILE A 5 -9.97 -23.41 0.91
CA ILE A 5 -9.87 -21.98 1.21
C ILE A 5 -10.90 -21.56 2.29
N PRO A 6 -10.42 -20.92 3.37
CA PRO A 6 -11.37 -20.42 4.35
C PRO A 6 -12.33 -19.40 3.78
N HIS A 7 -13.59 -19.53 4.17
CA HIS A 7 -14.65 -18.64 3.75
C HIS A 7 -14.22 -17.18 3.94
N LEU A 8 -13.59 -16.92 5.07
CA LEU A 8 -13.22 -15.54 5.39
C LEU A 8 -12.26 -14.98 4.35
N ILE A 9 -11.30 -15.80 3.91
CA ILE A 9 -10.31 -15.30 2.96
C ILE A 9 -10.99 -15.03 1.61
N LEU A 10 -11.87 -15.95 1.19
CA LEU A 10 -12.64 -15.72 -0.01
C LEU A 10 -13.37 -14.38 0.06
N GLU A 11 -13.94 -14.04 1.21
CA GLU A 11 -14.68 -12.79 1.34
C GLU A 11 -13.77 -11.57 1.26
N LEU A 12 -12.56 -11.69 1.80
CA LEU A 12 -11.61 -10.60 1.68
C LEU A 12 -11.24 -10.42 0.22
N LEU A 13 -11.04 -11.53 -0.48
CA LEU A 13 -10.60 -11.49 -1.88
C LEU A 13 -11.66 -10.87 -2.77
N LYS A 14 -12.93 -10.95 -2.38
CA LYS A 14 -14.00 -10.41 -3.22
C LYS A 14 -13.90 -8.90 -3.28
N CYS A 15 -13.17 -8.33 -2.32
CA CYS A 15 -13.03 -6.89 -2.20
C CYS A 15 -11.75 -6.37 -2.86
N GLU A 16 -10.98 -7.26 -3.49
CA GLU A 16 -9.75 -6.82 -4.19
C GLU A 16 -10.08 -5.83 -5.30
N PRO A 17 -9.21 -4.84 -5.50
CA PRO A 17 -9.50 -3.86 -6.56
C PRO A 17 -9.39 -4.47 -7.96
N ASP A 18 -10.07 -3.82 -8.90
CA ASP A 18 -10.06 -4.18 -10.30
C ASP A 18 -8.79 -3.53 -10.86
N GLU A 19 -7.73 -4.32 -10.97
CA GLU A 19 -6.39 -3.76 -11.16
C GLU A 19 -6.22 -3.09 -12.54
N PRO A 20 -6.65 -3.78 -13.61
CA PRO A 20 -6.55 -3.12 -14.93
C PRO A 20 -7.34 -1.81 -14.98
N GLN A 21 -8.42 -1.70 -14.20
CA GLN A 21 -9.19 -0.47 -14.16
C GLN A 21 -8.48 0.63 -13.38
N VAL A 22 -7.90 0.28 -12.23
CA VAL A 22 -7.13 1.24 -11.46
C VAL A 22 -5.93 1.73 -12.28
N GLN A 23 -5.21 0.81 -12.88
CA GLN A 23 -4.03 1.13 -13.68
C GLN A 23 -4.37 2.14 -14.77
N ALA A 24 -5.47 1.88 -15.47
CA ALA A 24 -5.91 2.71 -16.58
C ALA A 24 -6.33 4.08 -16.09
N LYS A 25 -6.99 4.11 -14.95
CA LYS A 25 -7.50 5.34 -14.38
C LYS A 25 -6.37 6.26 -13.93
N ILE A 26 -5.37 5.71 -13.26
CA ILE A 26 -4.25 6.51 -12.78
C ILE A 26 -3.40 6.97 -13.96
N MET A 27 -3.16 6.07 -14.91
CA MET A 27 -2.39 6.43 -16.09
C MET A 27 -3.04 7.61 -16.81
N ALA A 28 -4.35 7.50 -17.05
CA ALA A 28 -5.12 8.57 -17.71
C ALA A 28 -5.05 9.89 -16.96
N TYR A 29 -5.17 9.84 -15.64
CA TYR A 29 -5.09 11.03 -14.80
C TYR A 29 -3.72 11.73 -14.98
N LEU A 30 -2.64 10.96 -14.91
CA LEU A 30 -1.30 11.51 -14.99
C LEU A 30 -1.03 12.08 -16.39
N GLN A 31 -1.57 11.43 -17.41
CA GLN A 31 -1.47 11.93 -18.77
C GLN A 31 -2.19 13.28 -18.95
N GLN A 32 -3.43 13.35 -18.48
CA GLN A 32 -4.23 14.56 -18.64
C GLN A 32 -3.64 15.72 -17.82
N GLU A 33 -3.04 15.39 -16.68
CA GLU A 33 -2.42 16.42 -15.83
C GLU A 33 -1.28 17.11 -16.55
N GLN A 34 -0.41 16.31 -17.18
CA GLN A 34 0.66 16.86 -18.00
C GLN A 34 0.07 17.64 -19.16
N ALA A 35 -0.91 17.05 -19.83
CA ALA A 35 -1.56 17.65 -21.00
C ALA A 35 -2.15 19.02 -20.66
N ASN A 36 -2.90 19.09 -19.57
CA ASN A 36 -3.57 20.31 -19.16
C ASN A 36 -2.61 21.42 -18.74
N ARG A 37 -1.33 21.09 -18.61
CA ARG A 37 -0.31 22.07 -18.25
C ARG A 37 0.33 22.68 -19.50
N SER A 38 0.53 23.99 -19.48
CA SER A 38 1.22 24.68 -20.57
C SER A 38 2.71 24.46 -20.41
N LYS A 39 3.47 24.76 -21.46
CA LYS A 39 4.93 24.58 -21.45
C LYS A 39 5.57 25.30 -20.28
N HIS A 40 4.91 26.37 -19.84
CA HIS A 40 5.39 27.21 -18.77
C HIS A 40 5.28 26.52 -17.39
N GLU A 41 4.45 25.49 -17.29
CA GLU A 41 4.09 24.90 -15.99
C GLU A 41 4.22 23.38 -15.91
N LYS A 42 5.07 22.79 -16.76
CA LYS A 42 5.18 21.32 -16.79
C LYS A 42 5.73 20.80 -15.46
N LEU A 43 5.26 19.62 -15.06
CA LEU A 43 5.64 19.08 -13.76
C LEU A 43 7.01 18.40 -13.78
N SER A 44 7.76 18.56 -12.69
CA SER A 44 9.06 17.91 -12.57
C SER A 44 8.91 16.41 -12.32
N THR A 45 10.03 15.70 -12.33
CA THR A 45 10.02 14.28 -12.05
C THR A 45 9.47 14.02 -10.66
N PHE A 46 10.00 14.74 -9.67
CA PHE A 46 9.50 14.58 -8.32
C PHE A 46 8.03 14.95 -8.26
N GLY A 47 7.66 16.02 -8.97
CA GLY A 47 6.27 16.45 -9.06
C GLY A 47 5.33 15.35 -9.55
N LEU A 48 5.75 14.61 -10.57
CA LEU A 48 4.96 13.51 -11.10
C LEU A 48 4.98 12.28 -10.18
N MET A 49 6.12 12.06 -9.52
CA MET A 49 6.20 11.00 -8.51
C MET A 49 5.16 11.29 -7.42
N CYS A 50 5.09 12.55 -7.00
CA CYS A 50 4.18 12.93 -5.94
C CYS A 50 2.72 12.72 -6.35
N LYS A 51 2.40 13.09 -7.59
CA LYS A 51 1.05 12.93 -8.09
C LYS A 51 0.68 11.46 -8.24
N MET A 52 1.60 10.65 -8.76
CA MET A 52 1.36 9.22 -8.89
C MET A 52 1.15 8.59 -7.52
N ALA A 53 1.94 9.03 -6.55
CA ALA A 53 1.81 8.47 -5.19
C ALA A 53 0.49 8.84 -4.54
N ASP A 54 0.07 10.08 -4.73
CA ASP A 54 -1.23 10.55 -4.28
C ASP A 54 -2.32 9.67 -4.86
N GLN A 55 -2.28 9.47 -6.18
CA GLN A 55 -3.31 8.67 -6.84
C GLN A 55 -3.29 7.24 -6.31
N THR A 56 -2.10 6.73 -6.03
CA THR A 56 -1.97 5.38 -5.49
C THR A 56 -2.68 5.33 -4.14
N LEU A 57 -2.40 6.32 -3.28
CA LEU A 57 -3.05 6.33 -1.98
C LEU A 57 -4.57 6.59 -2.10
N PHE A 58 -5.00 7.43 -3.05
CA PHE A 58 -6.44 7.61 -3.25
C PHE A 58 -7.07 6.24 -3.52
N SER A 59 -6.42 5.44 -4.36
CA SER A 59 -6.99 4.13 -4.73
C SER A 59 -7.00 3.16 -3.57
N ILE A 60 -6.00 3.26 -2.70
CA ILE A 60 -5.97 2.47 -1.47
C ILE A 60 -7.15 2.84 -0.58
N VAL A 61 -7.41 4.13 -0.45
CA VAL A 61 -8.50 4.59 0.40
C VAL A 61 -9.82 4.13 -0.17
N GLU A 62 -9.92 4.19 -1.50
CA GLU A 62 -11.12 3.72 -2.19
C GLU A 62 -11.35 2.24 -1.95
N TRP A 63 -10.28 1.47 -2.06
CA TRP A 63 -10.32 0.04 -1.79
C TRP A 63 -10.84 -0.22 -0.37
N ALA A 64 -10.25 0.45 0.61
CA ALA A 64 -10.62 0.27 2.01
C ALA A 64 -12.07 0.61 2.25
N ARG A 65 -12.50 1.75 1.73
CA ARG A 65 -13.84 2.25 1.94
C ARG A 65 -14.91 1.26 1.50
N SER A 66 -14.63 0.48 0.45
CA SER A 66 -15.60 -0.45 -0.09
C SER A 66 -15.42 -1.88 0.42
N SER A 67 -14.44 -2.07 1.30
CA SER A 67 -14.09 -3.41 1.74
C SER A 67 -14.93 -3.93 2.90
N ILE A 68 -15.15 -5.24 2.90
CA ILE A 68 -15.77 -5.89 4.04
C ILE A 68 -15.13 -5.47 5.36
N PHE A 69 -15.97 -5.34 6.39
CA PHE A 69 -15.57 -4.91 7.72
C PHE A 69 -15.25 -3.40 7.81
N PHE A 70 -14.31 -2.91 7.00
CA PHE A 70 -13.95 -1.49 7.04
C PHE A 70 -15.16 -0.60 6.75
N ARG A 71 -16.01 -1.05 5.83
CA ARG A 71 -17.14 -0.26 5.41
C ARG A 71 -18.19 -0.09 6.50
N GLU A 72 -18.12 -0.95 7.53
CA GLU A 72 -19.05 -0.89 8.68
C GLU A 72 -18.66 0.19 9.70
N LEU A 73 -17.45 0.72 9.57
CA LEU A 73 -16.94 1.70 10.53
C LEU A 73 -17.42 3.10 10.20
N LYS A 74 -17.61 3.91 11.24
CA LYS A 74 -17.86 5.34 11.11
C LYS A 74 -16.63 5.98 10.45
N VAL A 75 -16.84 7.06 9.69
CA VAL A 75 -15.73 7.74 9.02
C VAL A 75 -14.59 8.09 10.00
N ASP A 76 -14.91 8.54 11.22
CA ASP A 76 -13.87 8.86 12.21
C ASP A 76 -12.96 7.67 12.48
N ASP A 77 -13.55 6.49 12.60
CA ASP A 77 -12.77 5.28 12.85
C ASP A 77 -12.00 4.88 11.61
N GLN A 78 -12.62 5.03 10.45
CA GLN A 78 -11.93 4.76 9.19
C GLN A 78 -10.66 5.62 9.06
N MET A 79 -10.76 6.90 9.44
CA MET A 79 -9.62 7.79 9.36
C MET A 79 -8.52 7.35 10.33
N LYS A 80 -8.92 6.95 11.52
CA LYS A 80 -7.95 6.51 12.52
C LYS A 80 -7.17 5.29 12.06
N LEU A 81 -7.86 4.29 11.53
CA LEU A 81 -7.16 3.12 10.99
C LEU A 81 -6.21 3.49 9.85
N LEU A 82 -6.67 4.31 8.89
CA LEU A 82 -5.85 4.61 7.73
C LEU A 82 -4.67 5.51 8.11
N GLN A 83 -4.92 6.43 9.04
CA GLN A 83 -3.87 7.29 9.55
C GLN A 83 -2.78 6.47 10.22
N ASN A 84 -3.17 5.34 10.78
CA ASN A 84 -2.24 4.46 11.49
C ASN A 84 -1.36 3.60 10.59
N CYS A 85 -1.80 3.37 9.34
CA CYS A 85 -1.08 2.42 8.47
C CYS A 85 -0.87 2.83 7.01
N TRP A 86 -1.16 4.07 6.66
CA TRP A 86 -1.15 4.49 5.26
C TRP A 86 0.18 4.15 4.55
N SER A 87 1.31 4.39 5.22
CA SER A 87 2.59 4.20 4.54
C SER A 87 2.90 2.71 4.41
N GLU A 88 2.43 1.93 5.37
CA GLU A 88 2.62 0.48 5.31
C GLU A 88 1.77 -0.13 4.20
N LEU A 89 0.57 0.39 4.00
CA LEU A 89 -0.24 -0.11 2.89
C LEU A 89 0.35 0.27 1.53
N LEU A 90 0.94 1.46 1.45
CA LEU A 90 1.61 1.89 0.22
C LEU A 90 2.78 0.95 -0.10
N ILE A 91 3.59 0.60 0.90
CA ILE A 91 4.73 -0.27 0.70
C ILE A 91 4.27 -1.70 0.38
N LEU A 92 3.30 -2.19 1.14
CA LEU A 92 2.81 -3.54 0.91
C LEU A 92 2.24 -3.67 -0.51
N ASP A 93 1.46 -2.67 -0.92
CA ASP A 93 0.90 -2.60 -2.28
C ASP A 93 2.03 -2.65 -3.33
N HIS A 94 3.07 -1.86 -3.12
CA HIS A 94 4.19 -1.83 -4.06
C HIS A 94 4.93 -3.15 -4.11
N ILE A 95 5.21 -3.71 -2.94
CA ILE A 95 5.90 -4.99 -2.87
C ILE A 95 5.12 -6.08 -3.56
N TYR A 96 3.82 -6.20 -3.27
CA TYR A 96 3.07 -7.27 -3.88
C TYR A 96 2.94 -7.11 -5.40
N ARG A 97 2.87 -5.86 -5.87
CA ARG A 97 2.86 -5.57 -7.29
C ARG A 97 4.13 -6.13 -7.94
N GLN A 98 5.27 -6.00 -7.25
CA GLN A 98 6.52 -6.52 -7.79
C GLN A 98 6.59 -8.04 -7.71
N VAL A 99 6.06 -8.61 -6.63
CA VAL A 99 6.01 -10.06 -6.49
C VAL A 99 5.28 -10.70 -7.68
N VAL A 100 4.16 -10.11 -8.07
CA VAL A 100 3.30 -10.66 -9.12
C VAL A 100 3.74 -10.23 -10.52
N HIS A 101 4.16 -8.97 -10.67
CA HIS A 101 4.36 -8.38 -12.00
C HIS A 101 5.79 -7.97 -12.32
N GLY A 102 6.65 -7.97 -11.31
CA GLY A 102 8.01 -7.52 -11.49
C GLY A 102 8.88 -8.44 -12.35
N LYS A 103 9.80 -7.81 -13.06
CA LYS A 103 10.81 -8.51 -13.88
C LYS A 103 12.18 -8.03 -13.44
N GLU A 104 13.19 -8.90 -13.54
CA GLU A 104 14.52 -8.54 -13.08
C GLU A 104 15.00 -7.29 -13.82
N GLY A 105 15.46 -6.32 -13.05
CA GLY A 105 15.98 -5.10 -13.62
C GLY A 105 14.93 -4.03 -13.82
N SER A 106 13.70 -4.32 -13.43
CA SER A 106 12.60 -3.40 -13.71
C SER A 106 11.74 -3.20 -12.49
N ILE A 107 10.95 -2.13 -12.53
CA ILE A 107 9.90 -1.87 -11.55
C ILE A 107 8.58 -1.76 -12.28
N PHE A 108 7.56 -2.45 -11.78
CA PHE A 108 6.24 -2.39 -12.38
C PHE A 108 5.43 -1.34 -11.64
N LEU A 109 5.00 -0.31 -12.36
CA LEU A 109 4.36 0.84 -11.74
C LEU A 109 2.85 0.63 -11.59
N VAL A 110 2.24 1.44 -10.74
CA VAL A 110 0.81 1.38 -10.48
C VAL A 110 0.00 1.67 -11.76
N THR A 111 0.66 2.30 -12.73
CA THR A 111 0.03 2.64 -14.00
C THR A 111 -0.03 1.48 -14.99
N GLY A 112 0.55 0.34 -14.61
CA GLY A 112 0.59 -0.82 -15.48
C GLY A 112 1.78 -0.87 -16.42
N GLN A 113 2.75 0.01 -16.21
CA GLN A 113 3.95 0.08 -17.05
C GLN A 113 5.16 -0.46 -16.29
N GLN A 114 6.06 -1.15 -17.01
CA GLN A 114 7.39 -1.49 -16.51
C GLN A 114 8.35 -0.33 -16.77
N VAL A 115 9.16 0.04 -15.78
CA VAL A 115 10.22 1.02 -15.95
C VAL A 115 11.53 0.37 -15.57
N ASP A 116 12.58 0.62 -16.36
CA ASP A 116 13.87 0.06 -16.04
C ASP A 116 14.37 0.61 -14.72
N TYR A 117 14.90 -0.27 -13.87
CA TYR A 117 15.26 0.14 -12.52
C TYR A 117 16.38 1.16 -12.52
N SER A 118 17.39 0.96 -13.37
CA SER A 118 18.50 1.88 -13.41
C SER A 118 18.05 3.31 -13.78
N ILE A 119 16.99 3.43 -14.57
CA ILE A 119 16.51 4.75 -14.97
C ILE A 119 15.88 5.47 -13.79
N ILE A 120 14.95 4.81 -13.13
CA ILE A 120 14.33 5.44 -11.98
C ILE A 120 15.33 5.67 -10.83
N ALA A 121 16.23 4.71 -10.61
CA ALA A 121 17.25 4.87 -9.58
C ALA A 121 18.20 6.05 -9.88
N SER A 122 18.49 6.28 -11.15
CA SER A 122 19.34 7.43 -11.53
C SER A 122 18.69 8.74 -11.13
N GLN A 123 17.37 8.80 -11.29
CA GLN A 123 16.64 10.01 -10.96
C GLN A 123 16.38 10.09 -9.47
N ALA A 124 16.29 8.93 -8.83
CA ALA A 124 15.81 8.88 -7.45
C ALA A 124 16.88 9.36 -6.47
N GLY A 125 18.12 8.99 -6.73
CA GLY A 125 19.21 9.29 -5.82
C GLY A 125 19.36 8.23 -4.74
N ALA A 126 20.29 8.50 -3.83
CA ALA A 126 20.78 7.51 -2.87
C ALA A 126 19.68 7.03 -1.93
N THR A 127 18.97 7.97 -1.33
CA THR A 127 17.97 7.64 -0.31
C THR A 127 16.85 6.78 -0.89
N LEU A 128 16.21 7.24 -1.94
CA LEU A 128 15.12 6.51 -2.53
C LEU A 128 15.62 5.21 -3.15
N ASN A 129 16.80 5.20 -3.73
CA ASN A 129 17.37 3.97 -4.25
C ASN A 129 17.55 2.96 -3.14
N ASN A 130 18.01 3.42 -1.98
CA ASN A 130 18.17 2.51 -0.83
C ASN A 130 16.83 1.86 -0.44
N LEU A 131 15.79 2.69 -0.38
CA LEU A 131 14.43 2.23 -0.06
C LEU A 131 13.93 1.18 -1.08
N MET A 132 14.11 1.46 -2.37
CA MET A 132 13.61 0.55 -3.39
C MET A 132 14.35 -0.78 -3.34
N SER A 133 15.64 -0.71 -3.04
CA SER A 133 16.49 -1.88 -2.93
C SER A 133 16.06 -2.76 -1.75
N HIS A 134 15.78 -2.12 -0.63
CA HIS A 134 15.25 -2.78 0.56
C HIS A 134 13.94 -3.47 0.22
N ALA A 135 13.06 -2.75 -0.46
CA ALA A 135 11.79 -3.32 -0.90
C ALA A 135 12.00 -4.50 -1.85
N GLN A 136 12.98 -4.43 -2.73
CA GLN A 136 13.24 -5.54 -3.65
C GLN A 136 13.75 -6.77 -2.92
N GLU A 137 14.48 -6.59 -1.83
CA GLU A 137 14.94 -7.74 -1.07
C GLU A 137 13.77 -8.44 -0.40
N LEU A 138 12.77 -7.67 0.01
CA LEU A 138 11.56 -8.24 0.57
C LEU A 138 10.75 -8.96 -0.51
N VAL A 139 10.68 -8.38 -1.71
CA VAL A 139 10.04 -9.04 -2.86
C VAL A 139 10.66 -10.43 -3.11
N ALA A 140 11.98 -10.48 -3.13
CA ALA A 140 12.69 -11.73 -3.36
C ALA A 140 12.42 -12.73 -2.25
N LYS A 141 12.36 -12.24 -1.02
CA LYS A 141 12.09 -13.10 0.13
C LYS A 141 10.68 -13.67 0.04
N LEU A 142 9.72 -12.80 -0.22
CA LEU A 142 8.34 -13.25 -0.44
C LEU A 142 8.18 -14.23 -1.59
N ARG A 143 8.87 -14.01 -2.71
CA ARG A 143 8.84 -14.98 -3.79
C ARG A 143 9.39 -16.35 -3.34
N SER A 144 10.47 -16.34 -2.56
CA SER A 144 11.06 -17.60 -2.11
C SER A 144 10.11 -18.34 -1.18
N LEU A 145 9.28 -17.57 -0.46
CA LEU A 145 8.29 -18.15 0.44
C LEU A 145 7.04 -18.60 -0.31
N GLN A 146 7.00 -18.37 -1.63
CA GLN A 146 5.79 -18.65 -2.42
C GLN A 146 4.55 -17.87 -1.91
N PHE A 147 4.77 -16.60 -1.56
CA PHE A 147 3.72 -15.66 -1.20
C PHE A 147 2.67 -15.61 -2.27
N ASP A 148 1.40 -15.84 -1.89
CA ASP A 148 0.29 -15.78 -2.83
C ASP A 148 -0.78 -14.76 -2.45
N GLN A 149 -1.78 -14.60 -3.29
CA GLN A 149 -2.72 -13.51 -3.12
C GLN A 149 -3.62 -13.68 -1.88
N ARG A 150 -3.87 -14.92 -1.52
CA ARG A 150 -4.67 -15.21 -0.34
C ARG A 150 -3.93 -14.72 0.90
N GLU A 151 -2.63 -14.95 0.95
CA GLU A 151 -1.80 -14.52 2.06
C GLU A 151 -1.67 -13.00 2.06
N PHE A 152 -1.50 -12.43 0.86
CA PHE A 152 -1.45 -10.97 0.70
C PHE A 152 -2.66 -10.26 1.30
N VAL A 153 -3.87 -10.70 0.94
CA VAL A 153 -5.04 -10.00 1.43
C VAL A 153 -5.17 -10.13 2.95
N CYS A 154 -4.77 -11.28 3.49
CA CYS A 154 -4.76 -11.44 4.96
C CYS A 154 -3.81 -10.42 5.59
N LEU A 155 -2.58 -10.29 5.06
CA LEU A 155 -1.62 -9.37 5.64
C LEU A 155 -2.14 -7.95 5.55
N LYS A 156 -2.76 -7.62 4.42
CA LYS A 156 -3.33 -6.31 4.25
C LYS A 156 -4.37 -5.98 5.31
N PHE A 157 -5.28 -6.92 5.58
CA PHE A 157 -6.26 -6.68 6.63
C PHE A 157 -5.64 -6.63 8.02
N LEU A 158 -4.57 -7.40 8.26
CA LEU A 158 -3.89 -7.32 9.54
C LEU A 158 -3.18 -5.96 9.75
N VAL A 159 -2.64 -5.43 8.66
CA VAL A 159 -2.00 -4.12 8.71
C VAL A 159 -3.05 -3.04 8.95
N LEU A 160 -4.16 -3.14 8.23
CA LEU A 160 -5.24 -2.17 8.32
C LEU A 160 -5.93 -2.16 9.70
N PHE A 161 -6.26 -3.35 10.21
CA PHE A 161 -6.94 -3.50 11.48
C PHE A 161 -5.92 -3.81 12.57
N SER A 162 -5.08 -2.81 12.84
CA SER A 162 -3.97 -2.97 13.76
C SER A 162 -4.36 -2.71 15.23
N LEU A 163 -3.84 -3.56 16.12
CA LEU A 163 -4.14 -3.42 17.54
C LEU A 163 -3.70 -2.11 18.13
N ASP A 164 -2.72 -1.47 17.51
CA ASP A 164 -2.12 -0.28 18.10
C ASP A 164 -2.87 1.00 17.77
N VAL A 165 -3.96 0.90 17.01
CA VAL A 165 -4.73 2.09 16.68
C VAL A 165 -5.32 2.71 17.95
N LYS A 166 -5.20 4.02 18.04
CA LYS A 166 -5.62 4.77 19.21
C LYS A 166 -7.02 5.34 19.09
N ASN A 167 -7.76 5.21 20.19
CA ASN A 167 -9.02 5.90 20.41
C ASN A 167 -10.10 5.50 19.40
N LEU A 168 -10.06 4.25 18.96
CA LEU A 168 -11.09 3.74 18.07
C LEU A 168 -12.38 3.57 18.87
N GLU A 169 -13.52 3.89 18.26
CA GLU A 169 -14.82 3.62 18.86
C GLU A 169 -15.16 2.14 18.79
N ASN A 170 -15.06 1.55 17.59
CA ASN A 170 -15.41 0.15 17.41
C ASN A 170 -14.16 -0.70 17.40
N PHE A 171 -13.47 -0.72 18.52
CA PHE A 171 -12.28 -1.55 18.64
C PHE A 171 -12.62 -3.04 18.54
N GLN A 172 -13.87 -3.39 18.82
CA GLN A 172 -14.25 -4.79 18.75
C GLN A 172 -14.02 -5.39 17.37
N LEU A 173 -14.19 -4.60 16.32
CA LEU A 173 -13.95 -5.06 14.97
C LEU A 173 -12.46 -5.36 14.78
N VAL A 174 -11.60 -4.51 15.35
CA VAL A 174 -10.17 -4.78 15.26
C VAL A 174 -9.83 -6.08 15.96
N GLU A 175 -10.36 -6.27 17.16
CA GLU A 175 -10.17 -7.51 17.91
C GLU A 175 -10.58 -8.74 17.10
N GLY A 176 -11.76 -8.64 16.51
CA GLY A 176 -12.36 -9.71 15.76
C GLY A 176 -11.59 -10.01 14.49
N VAL A 177 -11.31 -8.98 13.71
CA VAL A 177 -10.57 -9.16 12.47
C VAL A 177 -9.21 -9.77 12.76
N GLN A 178 -8.51 -9.23 13.75
CA GLN A 178 -7.23 -9.80 14.14
C GLN A 178 -7.31 -11.27 14.50
N GLU A 179 -8.23 -11.62 15.39
CA GLU A 179 -8.38 -13.01 15.78
C GLU A 179 -8.67 -13.89 14.57
N GLN A 180 -9.65 -13.50 13.78
CA GLN A 180 -10.16 -14.38 12.73
C GLN A 180 -9.26 -14.46 11.49
N VAL A 181 -8.66 -13.34 11.11
CA VAL A 181 -7.75 -13.34 9.97
C VAL A 181 -6.46 -14.07 10.28
N ASN A 182 -5.91 -13.91 11.49
CA ASN A 182 -4.75 -14.70 11.86
C ASN A 182 -5.07 -16.21 11.81
N ALA A 183 -6.22 -16.59 12.34
CA ALA A 183 -6.61 -18.00 12.38
C ALA A 183 -6.78 -18.56 10.96
N ALA A 184 -7.42 -17.77 10.10
CA ALA A 184 -7.67 -18.17 8.71
C ALA A 184 -6.36 -18.29 7.92
N LEU A 185 -5.44 -17.36 8.13
CA LEU A 185 -4.14 -17.39 7.47
C LEU A 185 -3.36 -18.64 7.87
N LEU A 186 -3.37 -18.93 9.17
CA LEU A 186 -2.75 -20.16 9.64
C LEU A 186 -3.36 -21.41 8.99
N ASP A 187 -4.68 -21.50 9.02
CA ASP A 187 -5.38 -22.64 8.44
C ASP A 187 -5.04 -22.78 6.94
N TYR A 188 -5.09 -21.65 6.23
CA TYR A 188 -4.78 -21.62 4.82
C TYR A 188 -3.36 -22.09 4.50
N THR A 189 -2.36 -21.57 5.22
CA THR A 189 -0.96 -21.89 4.91
C THR A 189 -0.66 -23.36 5.26
N MET A 190 -1.25 -23.85 6.34
CA MET A 190 -1.06 -25.22 6.75
C MET A 190 -1.68 -26.19 5.73
N CYS A 191 -2.82 -25.79 5.16
CA CYS A 191 -3.54 -26.64 4.23
C CYS A 191 -2.90 -26.65 2.85
N ASN A 192 -2.52 -25.46 2.41
CA ASN A 192 -2.10 -25.26 1.03
C ASN A 192 -0.60 -25.34 0.83
N TYR A 193 0.15 -25.19 1.92
CA TYR A 193 1.61 -25.21 1.85
C TYR A 193 2.18 -26.10 2.94
N PRO A 194 1.73 -27.37 2.95
CA PRO A 194 2.00 -28.31 4.04
C PRO A 194 3.48 -28.58 4.17
N GLN A 195 4.19 -28.37 3.06
CA GLN A 195 5.62 -28.59 2.99
C GLN A 195 6.43 -27.42 3.55
N GLN A 196 5.78 -26.30 3.85
CA GLN A 196 6.43 -25.18 4.52
C GLN A 196 5.85 -25.05 5.92
N THR A 197 6.37 -25.83 6.86
CA THR A 197 5.76 -25.96 8.18
C THR A 197 5.76 -24.66 9.00
N GLU A 198 6.59 -23.70 8.60
CA GLU A 198 6.74 -22.45 9.35
C GLU A 198 6.23 -21.24 8.57
N LYS A 199 5.46 -21.48 7.50
CA LYS A 199 5.14 -20.39 6.58
C LYS A 199 4.36 -19.27 7.26
N PHE A 200 3.40 -19.65 8.10
CA PHE A 200 2.59 -18.64 8.79
C PHE A 200 3.47 -17.63 9.53
N GLY A 201 4.35 -18.11 10.40
CA GLY A 201 5.22 -17.21 11.15
C GLY A 201 6.19 -16.44 10.27
N GLN A 202 6.67 -17.08 9.20
CA GLN A 202 7.55 -16.43 8.23
C GLN A 202 6.86 -15.27 7.49
N LEU A 203 5.57 -15.41 7.19
CA LEU A 203 4.81 -14.32 6.60
C LEU A 203 4.62 -13.14 7.58
N LEU A 204 4.26 -13.45 8.82
CA LEU A 204 4.09 -12.40 9.82
C LEU A 204 5.37 -11.64 10.07
N LEU A 205 6.51 -12.32 10.05
CA LEU A 205 7.79 -11.65 10.29
C LEU A 205 8.16 -10.63 9.21
N ARG A 206 7.46 -10.66 8.07
CA ARG A 206 7.67 -9.64 7.05
C ARG A 206 6.98 -8.32 7.42
N LEU A 207 6.04 -8.35 8.35
CA LEU A 207 5.29 -7.12 8.65
C LEU A 207 6.17 -6.05 9.30
N PRO A 208 7.03 -6.45 10.25
CA PRO A 208 7.97 -5.46 10.81
C PRO A 208 8.92 -4.90 9.76
N GLU A 209 9.23 -5.72 8.76
CA GLU A 209 10.12 -5.29 7.70
C GLU A 209 9.38 -4.28 6.82
N ILE A 210 8.11 -4.55 6.53
CA ILE A 210 7.30 -3.60 5.79
C ILE A 210 7.24 -2.28 6.56
N ARG A 211 7.07 -2.36 7.87
CA ARG A 211 7.02 -1.14 8.66
C ARG A 211 8.33 -0.37 8.58
N ALA A 212 9.46 -1.08 8.62
CA ALA A 212 10.78 -0.45 8.51
C ALA A 212 10.95 0.34 7.20
N ILE A 213 10.55 -0.28 6.11
CA ILE A 213 10.56 0.36 4.81
C ILE A 213 9.62 1.56 4.80
N SER A 214 8.45 1.44 5.44
CA SER A 214 7.52 2.58 5.50
C SER A 214 8.10 3.76 6.29
N MET A 215 8.88 3.49 7.34
CA MET A 215 9.58 4.55 8.06
C MET A 215 10.59 5.24 7.14
N GLN A 216 11.34 4.46 6.38
CA GLN A 216 12.26 5.03 5.40
C GLN A 216 11.52 5.95 4.43
N ALA A 217 10.34 5.52 3.99
CA ALA A 217 9.55 6.30 3.04
C ALA A 217 9.10 7.61 3.69
N GLU A 218 8.58 7.54 4.90
CA GLU A 218 8.15 8.72 5.61
C GLU A 218 9.32 9.69 5.82
N GLU A 219 10.47 9.15 6.19
CA GLU A 219 11.68 9.98 6.32
C GLU A 219 11.97 10.74 5.04
N TYR A 220 12.05 10.01 3.92
CA TYR A 220 12.31 10.61 2.61
C TYR A 220 11.30 11.71 2.33
N LEU A 221 10.03 11.42 2.55
CA LEU A 221 9.00 12.41 2.30
C LEU A 221 9.18 13.64 3.17
N TYR A 222 9.48 13.43 4.44
CA TYR A 222 9.67 14.52 5.38
C TYR A 222 10.83 15.43 4.96
N TYR A 223 11.97 14.84 4.59
CA TYR A 223 13.10 15.67 4.11
C TYR A 223 12.79 16.45 2.82
N LYS A 224 12.02 15.86 1.90
CA LYS A 224 11.58 16.62 0.74
C LYS A 224 10.72 17.78 1.18
N HIS A 225 9.86 17.54 2.16
CA HIS A 225 9.02 18.59 2.69
C HIS A 225 9.82 19.71 3.40
N LEU A 226 10.80 19.34 4.19
CA LEU A 226 11.71 20.32 4.79
C LEU A 226 12.37 21.20 3.73
N ASN A 227 12.65 20.62 2.58
CA ASN A 227 13.28 21.32 1.46
C ASN A 227 12.34 22.18 0.64
N GLY A 228 11.05 22.15 0.97
CA GLY A 228 10.02 22.83 0.20
C GLY A 228 9.70 22.18 -1.14
N ASP A 229 9.99 20.89 -1.29
CA ASP A 229 9.79 20.18 -2.56
C ASP A 229 8.44 19.46 -2.72
N VAL A 230 7.65 19.38 -1.65
CA VAL A 230 6.40 18.65 -1.69
C VAL A 230 5.24 19.64 -1.82
N PRO A 231 4.42 19.51 -2.88
CA PRO A 231 3.32 20.46 -3.07
C PRO A 231 2.32 20.49 -1.92
N TYR A 232 1.70 21.64 -1.72
CA TYR A 232 0.78 21.80 -0.61
C TYR A 232 -0.45 20.91 -0.81
N ASN A 233 -0.92 20.31 0.27
CA ASN A 233 -2.04 19.38 0.27
C ASN A 233 -1.84 18.11 -0.56
N ASN A 234 -0.59 17.74 -0.78
CA ASN A 234 -0.28 16.39 -1.19
C ASN A 234 -0.80 15.48 -0.05
N LEU A 235 -1.50 14.40 -0.39
CA LEU A 235 -2.16 13.61 0.65
C LEU A 235 -1.12 12.91 1.50
N LEU A 236 -0.04 12.44 0.87
CA LEU A 236 0.97 11.75 1.65
C LEU A 236 1.52 12.68 2.75
N ILE A 237 1.81 13.93 2.40
CA ILE A 237 2.31 14.84 3.42
C ILE A 237 1.20 15.20 4.41
N GLU A 238 -0.05 15.32 3.94
CA GLU A 238 -1.17 15.50 4.88
C GLU A 238 -1.29 14.33 5.86
N MET A 239 -1.09 13.10 5.39
CA MET A 239 -1.09 11.93 6.28
C MET A 239 0.04 12.04 7.30
N LEU A 240 1.19 12.52 6.84
CA LEU A 240 2.36 12.65 7.70
C LEU A 240 2.10 13.74 8.73
N HIS A 241 1.54 14.86 8.30
CA HIS A 241 1.26 15.98 9.20
C HIS A 241 0.31 15.52 10.29
N ALA A 242 -0.45 14.47 9.94
CA ALA A 242 -1.12 13.55 10.87
C ALA A 242 -2.62 13.72 10.85
N ASN B 3 -7.11 15.98 9.46
CA ASN B 3 -6.78 15.54 8.10
C ASN B 3 -8.01 15.63 7.17
N ALA B 4 -8.27 16.83 6.67
CA ALA B 4 -9.48 17.12 5.89
C ALA B 4 -9.59 16.34 4.59
N LEU B 5 -8.46 16.16 3.91
CA LEU B 5 -8.49 15.46 2.63
C LEU B 5 -8.89 13.99 2.81
N LEU B 6 -8.35 13.37 3.86
CA LEU B 6 -8.70 11.98 4.15
C LEU B 6 -10.19 11.85 4.44
N ARG B 7 -10.73 12.71 5.29
CA ARG B 7 -12.16 12.68 5.56
C ARG B 7 -12.97 12.80 4.26
N TYR B 8 -12.58 13.73 3.39
CA TYR B 8 -13.25 13.92 2.12
C TYR B 8 -13.25 12.66 1.26
N LEU B 9 -12.10 12.01 1.15
CA LEU B 9 -11.99 10.80 0.33
C LEU B 9 -12.92 9.68 0.85
N LEU B 10 -13.10 9.65 2.15
CA LEU B 10 -13.89 8.60 2.79
C LEU B 10 -15.39 8.91 2.77
N ASP B 11 -15.72 10.18 2.62
CA ASP B 11 -17.10 10.63 2.73
C ASP B 11 -17.75 10.96 1.38
N LYS B 12 -16.94 11.28 0.38
CA LYS B 12 -17.50 11.77 -0.89
C LYS B 12 -18.26 10.66 -1.60
N ASP B 13 -19.35 11.03 -2.27
CA ASP B 13 -20.27 10.09 -2.91
C ASP B 13 -21.07 9.32 -1.87
#